data_5VFN
#
_entry.id   5VFN
#
_cell.length_a   45.775
_cell.length_b   58.655
_cell.length_c   58.128
_cell.angle_alpha   90.00
_cell.angle_beta   95.86
_cell.angle_gamma   90.00
#
_symmetry.space_group_name_H-M   'P 1 21 1'
#
loop_
_entity.id
_entity.type
_entity.pdbx_description
1 polymer 'Basic phospholipase A2 homolog BnSP-7'
2 non-polymer 'HYDROCINNAMIC ACID'
3 non-polymer 1-ETHOXY-2-(2-METHOXYETHOXY)ETHANE
4 non-polymer 'SULFATE ION'
5 water water
#
_entity_poly.entity_id   1
_entity_poly.type   'polypeptide(L)'
_entity_poly.pdbx_seq_one_letter_code
;SLFELGKMILQETGKNPAKSYGAYGCNCGVLGRGQPKDATDRCCYVHKCCYKKLTGCDPKKDRYSYSWKDKTIVCGENNP
CLKELCECDKAVAICLRENLGTYNKKYRYHLKPFCKKADPC
;
_entity_poly.pdbx_strand_id   A,B
#
loop_
_chem_comp.id
_chem_comp.type
_chem_comp.name
_chem_comp.formula
HCI non-polymer 'HYDROCINNAMIC ACID' 'C9 H10 O2'
ME2 non-polymer 1-ETHOXY-2-(2-METHOXYETHOXY)ETHANE 'C7 H16 O3'
SO4 non-polymer 'SULFATE ION' 'O4 S -2'
#
# COMPACT_ATOMS: atom_id res chain seq x y z
N SER A 1 11.69 -1.33 -12.66
CA SER A 1 10.36 -0.91 -12.22
C SER A 1 9.86 -1.83 -11.14
N LEU A 2 8.57 -1.71 -10.81
CA LEU A 2 7.96 -2.57 -9.81
C LEU A 2 7.82 -4.00 -10.32
N PHE A 3 7.85 -4.17 -11.64
CA PHE A 3 7.72 -5.50 -12.21
C PHE A 3 8.98 -6.34 -12.02
N GLU A 4 10.14 -5.76 -12.31
CA GLU A 4 11.40 -6.46 -12.12
C GLU A 4 11.64 -6.71 -10.65
N LEU A 5 11.34 -5.70 -9.84
CA LEU A 5 11.51 -5.79 -8.40
C LEU A 5 10.67 -6.94 -7.84
N GLY A 6 9.40 -7.00 -8.24
CA GLY A 6 8.51 -8.04 -7.76
C GLY A 6 8.93 -9.43 -8.23
N LYS A 7 9.46 -9.50 -9.44
CA LYS A 7 9.91 -10.77 -9.97
C LYS A 7 11.12 -11.28 -9.19
N MET A 8 12.00 -10.38 -8.83
CA MET A 8 13.17 -10.71 -8.07
C MET A 8 12.82 -11.25 -6.72
N ILE A 9 11.90 -10.60 -6.05
CA ILE A 9 11.44 -11.01 -4.76
C ILE A 9 10.78 -12.37 -4.80
N LEU A 10 10.05 -12.66 -5.86
CA LEU A 10 9.46 -13.95 -6.07
C LEU A 10 10.50 -15.00 -6.27
N GLN A 11 11.44 -14.70 -7.14
CA GLN A 11 12.48 -15.65 -7.48
C GLN A 11 13.32 -16.05 -6.27
N GLU A 12 13.66 -15.09 -5.43
CA GLU A 12 14.49 -15.35 -4.25
C GLU A 12 13.69 -16.00 -3.12
N THR A 13 12.54 -15.41 -2.76
CA THR A 13 11.77 -15.88 -1.61
C THR A 13 10.78 -17.01 -1.91
N GLY A 14 10.28 -17.07 -3.14
CA GLY A 14 9.27 -18.06 -3.49
C GLY A 14 7.89 -17.60 -3.04
N LYS A 15 7.79 -16.39 -2.57
CA LYS A 15 6.55 -15.85 -2.09
C LYS A 15 5.95 -14.77 -3.01
N ASN A 16 4.65 -14.59 -2.93
CA ASN A 16 3.95 -13.51 -3.64
C ASN A 16 4.51 -12.18 -3.14
N PRO A 17 5.11 -11.40 -4.00
CA PRO A 17 5.71 -10.18 -3.54
C PRO A 17 4.76 -9.12 -3.09
N ALA A 18 3.68 -8.89 -3.83
CA ALA A 18 2.79 -7.84 -3.51
C ALA A 18 2.12 -8.14 -2.23
N LYS A 19 1.87 -9.40 -1.97
CA LYS A 19 1.12 -9.80 -0.83
C LYS A 19 1.96 -9.81 0.42
N SER A 20 3.22 -10.16 0.29
CA SER A 20 4.06 -10.28 1.47
C SER A 20 4.85 -9.01 1.75
N TYR A 21 5.17 -8.25 0.72
CA TYR A 21 6.08 -7.12 0.88
C TYR A 21 5.54 -5.79 0.34
N GLY A 22 4.31 -5.80 -0.15
CA GLY A 22 3.71 -4.60 -0.70
C GLY A 22 3.39 -3.55 0.36
N ALA A 23 3.12 -4.01 1.58
CA ALA A 23 2.78 -3.10 2.66
C ALA A 23 3.36 -3.58 4.00
N TYR A 24 4.49 -4.23 3.94
CA TYR A 24 5.06 -4.80 5.13
C TYR A 24 5.88 -3.79 5.85
N GLY A 25 5.56 -3.62 7.13
CA GLY A 25 6.26 -2.75 8.02
C GLY A 25 6.20 -1.28 7.77
N CYS A 26 7.19 -0.56 8.16
CA CYS A 26 7.20 0.84 7.94
C CYS A 26 7.94 1.22 6.71
N ASN A 27 8.49 0.24 6.02
CA ASN A 27 9.40 0.50 4.93
C ASN A 27 9.20 -0.28 3.66
N CYS A 28 8.46 -1.36 3.67
CA CYS A 28 8.37 -2.23 2.51
C CYS A 28 7.17 -1.88 1.63
N GLY A 29 7.44 -1.56 0.37
CA GLY A 29 6.39 -1.30 -0.59
C GLY A 29 6.08 0.17 -0.74
N VAL A 30 4.78 0.49 -0.72
CA VAL A 30 4.31 1.86 -0.90
C VAL A 30 4.90 2.82 0.14
N LEU A 31 5.00 4.08 -0.24
CA LEU A 31 5.42 5.13 0.63
C LEU A 31 6.91 5.22 0.93
N GLY A 32 7.26 5.92 1.98
CA GLY A 32 8.64 6.15 2.32
C GLY A 32 9.18 5.26 3.40
N ARG A 33 9.96 5.83 4.30
CA ARG A 33 10.57 5.06 5.35
C ARG A 33 10.10 5.45 6.71
N GLY A 34 10.27 4.57 7.64
CA GLY A 34 10.02 4.86 9.04
C GLY A 34 11.01 4.03 9.82
N GLN A 35 10.90 4.01 11.15
CA GLN A 35 11.79 3.18 11.94
C GLN A 35 11.48 1.73 11.64
N PRO A 36 12.52 0.93 11.33
CA PRO A 36 12.27 -0.47 10.98
C PRO A 36 11.65 -1.21 12.17
N LYS A 37 10.98 -2.29 11.91
CA LYS A 37 10.27 -2.99 12.92
C LYS A 37 10.77 -4.39 13.09
N ASP A 38 11.56 -4.84 12.14
CA ASP A 38 12.27 -6.10 12.21
C ASP A 38 13.29 -6.14 11.08
N ALA A 39 13.97 -7.27 10.91
CA ALA A 39 15.05 -7.35 9.94
C ALA A 39 14.57 -7.26 8.52
N THR A 40 13.46 -7.91 8.23
CA THR A 40 12.87 -7.82 6.91
C THR A 40 12.44 -6.41 6.51
N ASP A 41 11.83 -5.65 7.41
CA ASP A 41 11.53 -4.25 7.17
C ASP A 41 12.81 -3.45 6.90
N ARG A 42 13.83 -3.69 7.70
CA ARG A 42 15.11 -3.05 7.52
C ARG A 42 15.76 -3.34 6.21
N CYS A 43 15.48 -4.49 5.62
CA CYS A 43 15.95 -4.78 4.29
C CYS A 43 15.34 -3.74 3.27
N CYS A 44 14.14 -3.20 3.51
CA CYS A 44 13.47 -2.23 2.65
C CYS A 44 13.88 -0.79 2.97
N TYR A 45 14.25 -0.56 4.22
CA TYR A 45 14.80 0.72 4.65
C TYR A 45 16.08 0.99 3.86
N VAL A 46 16.93 0.00 3.72
CA VAL A 46 18.16 0.11 2.99
C VAL A 46 17.92 0.25 1.51
N HIS A 47 17.01 -0.55 1.05
CA HIS A 47 16.46 -0.53 -0.29
C HIS A 47 15.99 0.86 -0.67
N LYS A 48 15.24 1.52 0.17
CA LYS A 48 14.80 2.86 -0.19
C LYS A 48 15.90 3.92 -0.05
N CYS A 49 16.79 3.73 0.92
CA CYS A 49 17.96 4.60 1.05
C CYS A 49 18.86 4.46 -0.18
N CYS A 50 18.90 3.27 -0.76
CA CYS A 50 19.71 2.99 -1.94
C CYS A 50 19.14 3.70 -3.16
N TYR A 51 17.81 3.84 -3.20
CA TYR A 51 17.14 4.55 -4.29
C TYR A 51 17.57 6.02 -4.33
N LYS A 52 17.96 6.58 -3.20
CA LYS A 52 18.29 7.98 -3.18
C LYS A 52 19.66 8.32 -3.73
N LYS A 53 20.46 7.33 -4.02
CA LYS A 53 21.74 7.59 -4.63
C LYS A 53 21.64 7.57 -6.14
N LEU A 54 20.48 7.23 -6.68
CA LEU A 54 20.34 7.20 -8.13
C LEU A 54 20.36 8.60 -8.75
N THR A 55 20.56 8.65 -10.07
CA THR A 55 20.84 9.89 -10.76
C THR A 55 19.75 10.28 -11.78
N GLY A 56 18.53 9.82 -11.56
CA GLY A 56 17.43 10.28 -12.39
C GLY A 56 16.62 9.20 -13.08
N CYS A 57 16.80 7.99 -12.57
CA CYS A 57 16.21 6.77 -13.04
C CYS A 57 14.92 6.74 -12.18
N ASP A 58 13.81 6.18 -12.68
CA ASP A 58 12.56 5.99 -11.92
C ASP A 58 12.38 4.57 -11.37
N PRO A 59 12.54 4.39 -10.07
CA PRO A 59 12.64 3.08 -9.45
C PRO A 59 11.32 2.32 -9.48
N LYS A 60 10.24 3.06 -9.65
CA LYS A 60 8.93 2.48 -9.69
C LYS A 60 8.47 2.16 -11.06
N LYS A 61 8.90 2.94 -12.05
CA LYS A 61 8.37 2.75 -13.39
C LYS A 61 9.34 2.35 -14.45
N ASP A 62 10.57 2.79 -14.35
CA ASP A 62 11.57 2.47 -15.37
C ASP A 62 11.96 1.00 -15.38
N ARG A 63 11.75 0.35 -16.53
CA ARG A 63 12.11 -1.05 -16.70
C ARG A 63 13.62 -1.19 -16.92
N TYR A 64 14.14 -2.37 -16.67
CA TYR A 64 15.53 -2.70 -16.96
C TYR A 64 15.65 -4.20 -17.20
N SER A 65 16.81 -4.63 -17.69
CA SER A 65 17.03 -6.03 -18.02
C SER A 65 17.87 -6.73 -16.98
N TYR A 66 17.44 -7.94 -16.59
CA TYR A 66 18.22 -8.76 -15.69
C TYR A 66 17.92 -10.22 -15.99
N SER A 67 18.81 -11.11 -15.56
CA SER A 67 18.65 -12.53 -15.85
C SER A 67 18.62 -13.35 -14.58
N TRP A 68 17.89 -14.45 -14.61
CA TRP A 68 17.89 -15.43 -13.55
C TRP A 68 18.77 -16.58 -13.99
N LYS A 69 20.03 -16.52 -13.58
CA LYS A 69 21.07 -17.41 -14.05
C LYS A 69 21.72 -18.17 -12.94
N ASP A 70 21.52 -19.47 -12.98
CA ASP A 70 22.03 -20.37 -11.98
C ASP A 70 21.47 -19.94 -10.66
N LYS A 71 20.21 -19.62 -10.67
CA LYS A 71 19.54 -19.09 -9.52
C LYS A 71 20.18 -17.89 -8.88
N THR A 72 20.74 -17.02 -9.69
CA THR A 72 21.30 -15.79 -9.22
C THR A 72 20.76 -14.68 -10.04
N ILE A 73 20.43 -13.58 -9.41
CA ILE A 73 19.98 -12.40 -10.11
C ILE A 73 21.20 -11.70 -10.66
N VAL A 74 21.31 -11.63 -11.95
CA VAL A 74 22.43 -10.98 -12.59
C VAL A 74 21.98 -9.75 -13.35
N CYS A 75 22.36 -8.59 -12.87
CA CYS A 75 21.92 -7.39 -13.49
C CYS A 75 22.66 -7.28 -14.78
N GLY A 76 21.94 -7.18 -15.87
CA GLY A 76 22.58 -6.93 -17.11
C GLY A 76 22.73 -5.44 -17.18
N GLU A 77 22.10 -4.88 -18.15
CA GLU A 77 21.80 -3.47 -18.11
C GLU A 77 22.81 -2.46 -18.57
N ASN A 78 22.41 -1.77 -19.60
CA ASN A 78 23.16 -0.66 -20.05
C ASN A 78 22.58 0.41 -19.24
N ASN A 79 23.05 1.62 -19.41
CA ASN A 79 22.49 2.74 -18.75
C ASN A 79 22.88 2.63 -17.31
N PRO A 80 23.83 3.55 -16.88
CA PRO A 80 24.30 3.33 -15.50
C PRO A 80 23.27 3.43 -14.37
N CYS A 81 22.34 4.34 -14.48
CA CYS A 81 21.32 4.51 -13.45
C CYS A 81 20.44 3.26 -13.32
N LEU A 82 19.99 2.74 -14.43
CA LEU A 82 19.19 1.55 -14.48
C LEU A 82 19.92 0.37 -13.85
N LYS A 83 21.21 0.27 -14.04
CA LYS A 83 22.02 -0.75 -13.46
C LYS A 83 22.15 -0.64 -11.95
N GLU A 84 22.33 0.54 -11.41
CA GLU A 84 22.39 0.74 -9.98
C GLU A 84 21.07 0.41 -9.36
N LEU A 85 20.00 0.78 -10.05
CA LEU A 85 18.68 0.50 -9.62
C LEU A 85 18.44 -1.00 -9.61
N CYS A 86 18.90 -1.66 -10.64
CA CYS A 86 18.86 -3.12 -10.67
C CYS A 86 19.62 -3.71 -9.49
N GLU A 87 20.77 -3.13 -9.16
CA GLU A 87 21.55 -3.61 -8.02
C GLU A 87 20.81 -3.32 -6.71
N CYS A 88 20.15 -2.18 -6.62
CA CYS A 88 19.32 -1.87 -5.45
C CYS A 88 18.23 -2.92 -5.24
N ASP A 89 17.49 -3.23 -6.30
CA ASP A 89 16.42 -4.20 -6.23
C ASP A 89 16.94 -5.61 -5.93
N LYS A 90 18.08 -5.94 -6.52
CA LYS A 90 18.71 -7.24 -6.28
C LYS A 90 19.06 -7.40 -4.80
N ALA A 91 19.62 -6.35 -4.22
CA ALA A 91 20.04 -6.37 -2.83
C ALA A 91 18.87 -6.69 -1.90
N VAL A 92 17.76 -5.97 -2.07
CA VAL A 92 16.64 -6.14 -1.16
C VAL A 92 16.03 -7.51 -1.33
N ALA A 93 16.00 -8.01 -2.56
CA ALA A 93 15.43 -9.33 -2.84
C ALA A 93 16.17 -10.41 -2.06
N ILE A 94 17.49 -10.39 -2.17
CA ILE A 94 18.36 -11.29 -1.41
C ILE A 94 18.13 -11.11 0.09
N CYS A 95 18.14 -9.86 0.53
CA CYS A 95 17.97 -9.55 1.95
C CYS A 95 16.62 -10.07 2.46
N LEU A 96 15.57 -9.92 1.66
CA LEU A 96 14.26 -10.40 2.04
C LEU A 96 14.24 -11.92 2.20
N ARG A 97 14.94 -12.61 1.31
CA ARG A 97 15.02 -14.06 1.37
C ARG A 97 15.84 -14.52 2.57
N GLU A 98 16.93 -13.81 2.86
CA GLU A 98 17.79 -14.17 3.98
C GLU A 98 17.07 -14.00 5.31
N ASN A 99 16.07 -13.13 5.34
CA ASN A 99 15.37 -12.85 6.58
C ASN A 99 13.94 -13.37 6.58
N LEU A 100 13.73 -14.48 5.88
CA LEU A 100 12.44 -15.14 5.88
C LEU A 100 12.17 -15.79 7.24
N GLY A 101 13.24 -16.09 7.96
CA GLY A 101 13.14 -16.78 9.23
C GLY A 101 12.48 -15.95 10.31
N THR A 102 12.48 -14.63 10.16
CA THR A 102 11.84 -13.75 11.13
C THR A 102 10.71 -12.94 10.51
N TYR A 103 10.19 -13.42 9.38
CA TYR A 103 9.05 -12.77 8.75
C TYR A 103 7.84 -12.84 9.67
N ASN A 104 7.26 -11.69 9.97
CA ASN A 104 6.13 -11.57 10.87
C ASN A 104 4.85 -11.12 10.17
N LYS A 105 3.89 -12.01 10.06
CA LYS A 105 2.69 -11.74 9.29
C LYS A 105 1.93 -10.60 9.82
N LYS A 106 2.10 -10.31 11.09
CA LYS A 106 1.41 -9.20 11.72
C LYS A 106 1.85 -7.83 11.25
N TYR A 107 2.93 -7.79 10.48
CA TYR A 107 3.42 -6.57 9.84
C TYR A 107 3.03 -6.50 8.37
N ARG A 108 2.42 -7.57 7.86
CA ARG A 108 2.11 -7.72 6.43
C ARG A 108 1.34 -6.54 5.82
N TYR A 109 0.21 -6.20 6.43
CA TYR A 109 -0.57 -5.05 5.97
C TYR A 109 -0.48 -3.95 7.01
N HIS A 110 0.73 -3.47 7.24
CA HIS A 110 1.04 -2.55 8.32
C HIS A 110 0.47 -1.17 8.03
N LEU A 111 -0.06 -0.52 9.07
CA LEU A 111 -0.57 0.84 8.93
C LEU A 111 0.56 1.84 9.06
N LYS A 112 1.12 2.23 7.92
CA LYS A 112 2.34 3.05 7.88
C LYS A 112 2.21 4.51 8.37
N PRO A 113 1.03 5.14 8.25
CA PRO A 113 0.97 6.51 8.80
C PRO A 113 1.30 6.62 10.28
N PHE A 114 1.13 5.55 11.05
CA PHE A 114 1.45 5.61 12.48
C PHE A 114 2.86 5.15 12.79
N CYS A 115 3.68 4.94 11.76
CA CYS A 115 5.08 4.59 11.98
C CYS A 115 5.86 5.81 12.46
N LYS A 116 6.82 5.56 13.34
CA LYS A 116 7.71 6.61 13.82
C LYS A 116 8.72 6.95 12.71
N LYS A 117 9.15 8.21 12.68
CA LYS A 117 9.98 8.71 11.59
C LYS A 117 11.34 8.03 11.49
N ALA A 118 11.83 7.88 10.27
CA ALA A 118 13.12 7.26 10.02
C ALA A 118 14.26 8.29 10.13
N ASP A 119 15.44 7.83 10.47
CA ASP A 119 16.59 8.69 10.44
C ASP A 119 16.91 9.01 9.00
N PRO A 120 17.88 10.00 8.80
CA PRO A 120 18.19 10.25 7.39
C PRO A 120 19.26 9.30 6.90
N CYS A 121 19.16 8.98 5.63
CA CYS A 121 19.90 7.91 5.02
C CYS A 121 21.40 8.17 5.03
N SER B 1 -9.93 7.88 11.90
CA SER B 1 -8.61 7.44 11.48
C SER B 1 -8.68 6.16 10.66
N LEU B 2 -7.53 5.54 10.42
CA LEU B 2 -7.48 4.26 9.70
C LEU B 2 -8.06 3.12 10.52
N PHE B 3 -8.13 3.32 11.84
CA PHE B 3 -8.65 2.28 12.72
C PHE B 3 -10.16 2.13 12.62
N GLU B 4 -10.85 3.25 12.64
CA GLU B 4 -12.27 3.25 12.49
C GLU B 4 -12.66 2.89 11.09
N LEU B 5 -11.93 3.37 10.11
CA LEU B 5 -12.22 3.04 8.74
C LEU B 5 -12.18 1.55 8.56
N GLY B 6 -11.21 0.93 9.19
CA GLY B 6 -11.01 -0.48 9.07
C GLY B 6 -12.04 -1.32 9.75
N LYS B 7 -12.55 -0.84 10.85
CA LYS B 7 -13.53 -1.61 11.56
C LYS B 7 -14.85 -1.57 10.83
N MET B 8 -15.16 -0.43 10.27
CA MET B 8 -16.37 -0.22 9.49
C MET B 8 -16.38 -1.15 8.30
N ILE B 9 -15.30 -1.23 7.57
CA ILE B 9 -15.21 -2.09 6.40
C ILE B 9 -15.32 -3.57 6.79
N LEU B 10 -14.70 -3.94 7.91
CA LEU B 10 -14.80 -5.28 8.44
C LEU B 10 -16.24 -5.59 8.81
N GLN B 11 -16.87 -4.67 9.53
CA GLN B 11 -18.22 -4.86 10.00
C GLN B 11 -19.21 -5.02 8.84
N GLU B 12 -19.03 -4.21 7.80
CA GLU B 12 -19.95 -4.24 6.66
C GLU B 12 -19.72 -5.41 5.72
N THR B 13 -18.47 -5.60 5.29
CA THR B 13 -18.12 -6.63 4.31
C THR B 13 -17.85 -8.00 4.94
N GLY B 14 -17.41 -7.99 6.20
CA GLY B 14 -17.03 -9.23 6.85
C GLY B 14 -15.63 -9.67 6.46
N LYS B 15 -14.94 -8.86 5.69
CA LYS B 15 -13.61 -9.18 5.22
C LYS B 15 -12.55 -8.33 5.86
N ASN B 16 -11.34 -8.85 6.01
CA ASN B 16 -10.21 -8.07 6.46
C ASN B 16 -9.99 -6.89 5.57
N PRO B 17 -10.11 -5.69 6.10
CA PRO B 17 -10.04 -4.45 5.33
C PRO B 17 -8.65 -4.19 4.74
N ALA B 18 -7.61 -4.39 5.54
CA ALA B 18 -6.26 -4.06 5.10
C ALA B 18 -5.83 -4.98 3.96
N LYS B 19 -6.22 -6.23 4.04
CA LYS B 19 -5.87 -7.23 3.05
C LYS B 19 -6.67 -7.16 1.75
N SER B 20 -7.93 -6.81 1.82
CA SER B 20 -8.76 -6.74 0.62
C SER B 20 -8.83 -5.34 0.01
N TYR B 21 -8.69 -4.32 0.85
CA TYR B 21 -8.92 -2.96 0.39
C TYR B 21 -7.76 -2.00 0.66
N GLY B 22 -6.66 -2.52 1.22
CA GLY B 22 -5.50 -1.70 1.53
C GLY B 22 -4.76 -1.25 0.29
N ALA B 23 -4.84 -2.05 -0.77
CA ALA B 23 -4.16 -1.74 -2.02
C ALA B 23 -5.00 -2.15 -3.24
N TYR B 24 -6.32 -2.10 -3.09
CA TYR B 24 -7.21 -2.51 -4.18
C TYR B 24 -7.29 -1.44 -5.27
N GLY B 25 -7.02 -1.84 -6.50
CA GLY B 25 -7.21 -0.95 -7.64
C GLY B 25 -6.44 0.34 -7.59
N CYS B 26 -6.95 1.32 -8.27
CA CYS B 26 -6.23 2.52 -8.50
C CYS B 26 -6.73 3.61 -7.58
N ASN B 27 -7.46 3.21 -6.55
CA ASN B 27 -8.12 4.13 -5.64
C ASN B 27 -8.19 3.76 -4.18
N CYS B 28 -8.19 2.50 -3.84
CA CYS B 28 -8.50 2.05 -2.51
C CYS B 28 -7.27 1.83 -1.63
N GLY B 29 -7.27 2.42 -0.46
CA GLY B 29 -6.17 2.27 0.49
C GLY B 29 -5.11 3.34 0.33
N VAL B 30 -3.85 2.91 0.33
CA VAL B 30 -2.71 3.81 0.24
C VAL B 30 -2.75 4.69 -1.02
N LEU B 31 -2.16 5.86 -0.93
CA LEU B 31 -2.03 6.72 -2.06
C LEU B 31 -3.28 7.53 -2.37
N GLY B 32 -3.36 8.09 -3.57
CA GLY B 32 -4.42 8.96 -3.96
C GLY B 32 -5.42 8.27 -4.84
N ARG B 33 -5.96 8.98 -5.81
CA ARG B 33 -6.92 8.38 -6.72
C ARG B 33 -6.39 8.18 -8.09
N GLY B 34 -7.01 7.29 -8.84
CA GLY B 34 -6.81 7.15 -10.26
C GLY B 34 -8.10 6.70 -10.90
N GLN B 35 -8.08 6.43 -12.19
CA GLN B 35 -9.24 5.96 -12.88
C GLN B 35 -9.72 4.66 -12.30
N PRO B 36 -10.95 4.60 -11.88
CA PRO B 36 -11.44 3.40 -11.20
C PRO B 36 -11.36 2.17 -12.11
N LYS B 37 -11.30 1.01 -11.53
CA LYS B 37 -11.06 -0.21 -12.24
C LYS B 37 -12.31 -1.02 -12.29
N ASP B 38 -13.17 -0.81 -11.32
CA ASP B 38 -14.46 -1.46 -11.19
C ASP B 38 -15.28 -0.73 -10.15
N ALA B 39 -16.43 -1.28 -9.78
CA ALA B 39 -17.33 -0.60 -8.83
C ALA B 39 -16.69 -0.50 -7.45
N THR B 40 -16.08 -1.59 -6.99
CA THR B 40 -15.33 -1.58 -5.73
C THR B 40 -14.34 -0.42 -5.67
N ASP B 41 -13.54 -0.28 -6.73
CA ASP B 41 -12.58 0.80 -6.81
C ASP B 41 -13.26 2.17 -6.80
N ARG B 42 -14.33 2.34 -7.55
CA ARG B 42 -15.10 3.59 -7.64
C ARG B 42 -15.67 4.05 -6.31
N CYS B 43 -15.92 3.10 -5.45
CA CYS B 43 -16.32 3.37 -4.08
C CYS B 43 -15.28 4.23 -3.38
N CYS B 44 -14.01 3.86 -3.56
CA CYS B 44 -12.90 4.52 -2.90
C CYS B 44 -12.56 5.84 -3.57
N TYR B 45 -12.85 5.92 -4.87
CA TYR B 45 -12.70 7.18 -5.60
C TYR B 45 -13.56 8.26 -4.96
N VAL B 46 -14.82 7.90 -4.71
CA VAL B 46 -15.78 8.82 -4.10
C VAL B 46 -15.35 9.13 -2.67
N HIS B 47 -14.94 8.06 -1.99
CA HIS B 47 -14.44 8.09 -0.63
C HIS B 47 -13.31 9.11 -0.47
N LYS B 48 -12.36 9.11 -1.41
CA LYS B 48 -11.26 10.08 -1.35
C LYS B 48 -11.67 11.47 -1.83
N CYS B 49 -12.59 11.52 -2.79
CA CYS B 49 -13.17 12.80 -3.18
C CYS B 49 -13.93 13.38 -2.00
N CYS B 50 -14.51 12.50 -1.20
CA CYS B 50 -15.22 12.92 0.00
C CYS B 50 -14.24 13.44 1.05
N TYR B 51 -13.05 12.85 1.09
CA TYR B 51 -12.00 13.31 2.01
C TYR B 51 -11.52 14.73 1.77
N LYS B 52 -11.52 15.12 0.51
CA LYS B 52 -10.99 16.38 0.00
C LYS B 52 -11.44 17.67 0.66
N LYS B 53 -12.67 17.71 1.14
CA LYS B 53 -13.16 18.88 1.80
C LYS B 53 -12.75 18.96 3.25
N LEU B 54 -12.09 17.95 3.78
CA LEU B 54 -11.90 18.01 5.21
C LEU B 54 -10.53 18.57 5.57
N THR B 55 -10.36 19.87 5.55
CA THR B 55 -9.03 20.44 5.54
C THR B 55 -8.38 21.01 6.77
N GLY B 56 -8.99 20.94 7.94
CA GLY B 56 -10.08 20.07 8.26
C GLY B 56 -9.61 19.18 9.37
N CYS B 57 -9.75 17.89 9.14
CA CYS B 57 -9.28 16.77 9.93
C CYS B 57 -8.18 16.00 9.21
N ASP B 58 -7.51 15.13 9.96
CA ASP B 58 -6.57 14.18 9.37
C ASP B 58 -7.31 12.86 9.22
N PRO B 59 -7.73 12.53 7.98
CA PRO B 59 -8.56 11.35 7.70
C PRO B 59 -7.85 10.03 8.00
N LYS B 60 -6.55 10.06 8.12
CA LYS B 60 -5.79 8.87 8.40
C LYS B 60 -5.49 8.71 9.84
N LYS B 61 -5.27 9.82 10.51
CA LYS B 61 -4.79 9.80 11.87
C LYS B 61 -5.77 10.25 12.94
N ASP B 62 -6.61 11.22 12.65
CA ASP B 62 -7.57 11.69 13.63
C ASP B 62 -8.63 10.66 13.95
N ARG B 63 -8.75 10.30 15.21
CA ARG B 63 -9.74 9.34 15.68
C ARG B 63 -11.10 10.00 15.88
N TYR B 64 -12.16 9.18 15.85
CA TYR B 64 -13.51 9.66 16.15
C TYR B 64 -14.37 8.52 16.71
N SER B 65 -15.55 8.86 17.22
CA SER B 65 -16.43 7.90 17.85
C SER B 65 -17.60 7.49 16.95
N TYR B 66 -17.86 6.18 16.90
CA TYR B 66 -19.02 5.67 16.19
C TYR B 66 -19.50 4.36 16.81
N SER B 67 -20.75 4.00 16.55
CA SER B 67 -21.31 2.78 17.12
C SER B 67 -21.85 1.83 16.07
N TRP B 68 -21.83 0.55 16.39
CA TRP B 68 -22.42 -0.47 15.58
C TRP B 68 -23.74 -0.93 16.18
N LYS B 69 -24.79 -0.23 15.83
CA LYS B 69 -26.08 -0.37 16.43
C LYS B 69 -27.03 -1.05 15.49
N ASP B 70 -27.48 -2.22 15.84
CA ASP B 70 -28.34 -3.00 14.99
C ASP B 70 -27.82 -3.15 13.58
N LYS B 71 -26.54 -3.45 13.48
CA LYS B 71 -25.87 -3.75 12.25
C LYS B 71 -25.93 -2.58 11.37
N THR B 72 -25.91 -1.42 12.00
CA THR B 72 -25.92 -0.17 11.28
C THR B 72 -24.84 0.71 11.87
N ILE B 73 -24.07 1.38 11.01
CA ILE B 73 -23.04 2.30 11.48
C ILE B 73 -23.64 3.64 11.88
N VAL B 74 -23.55 3.96 13.17
CA VAL B 74 -24.07 5.22 13.66
C VAL B 74 -22.93 6.14 14.10
N CYS B 75 -22.72 7.21 13.35
CA CYS B 75 -21.71 8.21 13.68
C CYS B 75 -22.19 9.06 14.85
N GLY B 76 -21.44 9.06 15.93
CA GLY B 76 -21.75 9.92 17.05
C GLY B 76 -20.68 10.92 17.35
N GLU B 77 -20.59 11.96 16.54
CA GLU B 77 -19.50 12.89 16.66
C GLU B 77 -19.95 14.32 16.73
N ASN B 78 -19.53 15.01 17.75
CA ASN B 78 -19.63 16.42 17.75
C ASN B 78 -18.30 16.70 17.18
N ASN B 79 -18.23 17.82 16.48
CA ASN B 79 -17.06 18.34 15.77
C ASN B 79 -17.34 18.18 14.31
N PRO B 80 -17.52 19.38 13.61
CA PRO B 80 -17.95 19.23 12.22
C PRO B 80 -17.13 18.39 11.30
N CYS B 81 -15.85 18.58 11.30
CA CYS B 81 -14.96 17.85 10.41
C CYS B 81 -14.97 16.35 10.69
N LEU B 82 -14.82 15.99 11.95
CA LEU B 82 -14.83 14.58 12.35
C LEU B 82 -16.14 13.90 12.01
N LYS B 83 -17.23 14.64 12.13
CA LYS B 83 -18.54 14.09 11.81
C LYS B 83 -18.64 13.80 10.31
N GLU B 84 -18.14 14.73 9.51
CA GLU B 84 -18.13 14.57 8.06
C GLU B 84 -17.20 13.42 7.66
N LEU B 85 -16.05 13.36 8.32
CA LEU B 85 -15.08 12.31 8.08
C LEU B 85 -15.67 10.94 8.34
N CYS B 86 -16.36 10.83 9.47
CA CYS B 86 -17.02 9.59 9.84
C CYS B 86 -18.07 9.17 8.82
N GLU B 87 -18.81 10.15 8.30
CA GLU B 87 -19.82 9.88 7.27
C GLU B 87 -19.18 9.45 5.96
N CYS B 88 -18.00 10.00 5.65
CA CYS B 88 -17.25 9.57 4.48
C CYS B 88 -16.92 8.08 4.57
N ASP B 89 -16.35 7.70 5.69
CA ASP B 89 -15.93 6.32 5.94
C ASP B 89 -17.13 5.37 5.97
N LYS B 90 -18.23 5.84 6.55
CA LYS B 90 -19.43 5.02 6.60
C LYS B 90 -19.92 4.72 5.19
N ALA B 91 -19.92 5.75 4.35
CA ALA B 91 -20.38 5.63 2.97
C ALA B 91 -19.57 4.59 2.20
N VAL B 92 -18.23 4.69 2.29
CA VAL B 92 -17.38 3.81 1.49
C VAL B 92 -17.53 2.38 1.99
N ALA B 93 -17.67 2.22 3.31
CA ALA B 93 -17.84 0.89 3.90
C ALA B 93 -19.08 0.23 3.34
N ILE B 94 -20.19 0.98 3.35
CA ILE B 94 -21.44 0.51 2.75
C ILE B 94 -21.26 0.19 1.27
N CYS B 95 -20.65 1.11 0.52
CA CYS B 95 -20.44 0.93 -0.90
C CYS B 95 -19.61 -0.32 -1.20
N LEU B 96 -18.59 -0.55 -0.39
CA LEU B 96 -17.72 -1.72 -0.58
C LEU B 96 -18.49 -3.02 -0.40
N ARG B 97 -19.39 -3.04 0.58
CA ARG B 97 -20.20 -4.24 0.85
C ARG B 97 -21.22 -4.48 -0.26
N GLU B 98 -21.81 -3.40 -0.77
CA GLU B 98 -22.81 -3.50 -1.83
C GLU B 98 -22.19 -4.04 -3.11
N ASN B 99 -20.89 -3.82 -3.27
CA ASN B 99 -20.21 -4.23 -4.49
C ASN B 99 -19.24 -5.39 -4.28
N LEU B 100 -19.59 -6.27 -3.35
CA LEU B 100 -18.81 -7.48 -3.12
C LEU B 100 -19.00 -8.43 -4.29
N GLY B 101 -20.12 -8.28 -4.99
CA GLY B 101 -20.48 -9.19 -6.06
C GLY B 101 -19.55 -9.10 -7.25
N THR B 102 -18.86 -7.96 -7.37
CA THR B 102 -17.91 -7.77 -8.47
C THR B 102 -16.50 -7.54 -7.93
N TYR B 103 -16.26 -7.94 -6.69
CA TYR B 103 -14.91 -7.84 -6.14
C TYR B 103 -13.98 -8.75 -6.93
N ASN B 104 -12.89 -8.18 -7.44
CA ASN B 104 -11.92 -8.94 -8.24
C ASN B 104 -10.54 -9.02 -7.57
N LYS B 105 -10.13 -10.23 -7.25
CA LYS B 105 -8.93 -10.45 -6.48
C LYS B 105 -7.70 -10.13 -7.27
N LYS B 106 -7.87 -9.88 -8.54
CA LYS B 106 -6.74 -9.54 -9.38
C LYS B 106 -6.32 -8.09 -9.20
N TYR B 107 -7.20 -7.32 -8.59
CA TYR B 107 -6.95 -5.92 -8.28
C TYR B 107 -6.52 -5.75 -6.84
N ARG B 108 -6.52 -6.85 -6.09
CA ARG B 108 -6.22 -6.84 -4.66
C ARG B 108 -4.93 -6.11 -4.32
N TYR B 109 -3.83 -6.53 -4.93
CA TYR B 109 -2.56 -5.88 -4.70
C TYR B 109 -2.10 -5.16 -5.96
N HIS B 110 -2.90 -4.18 -6.37
CA HIS B 110 -2.71 -3.49 -7.64
C HIS B 110 -1.48 -2.60 -7.63
N LEU B 111 -0.79 -2.55 -8.75
CA LEU B 111 0.29 -1.63 -8.89
C LEU B 111 -0.21 -0.32 -9.32
N LYS B 112 -0.36 0.57 -8.38
CA LYS B 112 -0.94 1.87 -8.59
C LYS B 112 -0.15 2.89 -9.36
N PRO B 113 1.17 2.89 -9.35
CA PRO B 113 1.85 3.88 -10.21
C PRO B 113 1.49 3.79 -11.70
N PHE B 114 1.06 2.62 -12.16
CA PHE B 114 0.72 2.44 -13.57
C PHE B 114 -0.76 2.75 -13.85
N CYS B 115 -1.43 3.30 -12.84
CA CYS B 115 -2.81 3.72 -13.01
C CYS B 115 -2.89 5.00 -13.83
N LYS B 116 -3.93 5.12 -14.65
CA LYS B 116 -4.19 6.33 -15.41
C LYS B 116 -4.77 7.38 -14.47
N LYS B 117 -4.53 8.65 -14.79
CA LYS B 117 -4.90 9.74 -13.90
C LYS B 117 -6.41 9.78 -13.68
N ALA B 118 -6.82 10.18 -12.50
CA ALA B 118 -8.21 10.31 -12.17
C ALA B 118 -8.79 11.63 -12.66
N ASP B 119 -10.09 11.66 -12.94
CA ASP B 119 -10.75 12.91 -13.18
C ASP B 119 -10.79 13.73 -11.92
N PRO B 120 -10.74 15.11 -12.11
CA PRO B 120 -10.86 15.90 -10.87
C PRO B 120 -12.14 15.60 -10.11
N CYS B 121 -12.14 15.89 -8.83
CA CYS B 121 -13.25 15.50 -7.99
C CYS B 121 -14.45 16.39 -8.25
C1 HCI C . -3.62 -15.40 3.54
O1 HCI C . -4.78 -15.48 3.98
O2 HCI C . -3.40 -14.75 2.49
C2 HCI C . -2.48 -16.07 4.28
C3 HCI C . -1.43 -16.31 3.48
C1' HCI C . -0.12 -16.94 3.78
C2' HCI C . 0.55 -16.73 5.01
C3' HCI C . 1.81 -17.34 5.24
C4' HCI C . 2.40 -18.15 4.24
C5' HCI C . 1.74 -18.34 3.01
C6' HCI C . 0.49 -17.74 2.78
C7 ME2 D . 6.47 -5.71 -3.64
C6 ME2 D . 7.21 -5.31 -4.90
O3 ME2 D . 6.33 -5.10 -5.97
C5 ME2 D . 5.46 -6.18 -6.28
C4 ME2 D . 5.37 -6.33 -7.79
O2 ME2 D . 4.27 -7.14 -8.18
C3 ME2 D . 4.38 -7.73 -9.44
C2 ME2 D . 5.82 -8.28 -9.82
S SO4 E . 2.28 -17.20 -1.18
O1 SO4 E . 2.98 -18.18 -0.41
O2 SO4 E . 0.87 -17.50 -1.16
O3 SO4 E . 2.59 -15.92 -0.60
O4 SO4 E . 2.73 -17.25 -2.54
S SO4 F . 12.01 9.01 2.90
O1 SO4 F . 11.83 8.28 1.70
O2 SO4 F . 11.05 8.60 3.83
O3 SO4 F . 13.30 8.73 3.42
O4 SO4 F . 11.80 10.38 2.60
S SO4 G . 20.99 -27.36 -6.18
O1 SO4 G . 22.28 -27.55 -5.57
O2 SO4 G . 20.21 -28.54 -5.90
O3 SO4 G . 20.48 -26.16 -5.60
O4 SO4 G . 21.32 -27.19 -7.56
C7 ME2 H . -7.57 1.53 4.00
C6 ME2 H . -8.38 0.28 4.34
O3 ME2 H . -8.92 0.44 5.61
C5 ME2 H . -7.98 0.59 6.65
C4 ME2 H . -7.43 -0.79 7.01
O2 ME2 H . -7.20 -0.76 8.40
C3 ME2 H . -7.32 -1.99 9.03
C2 ME2 H . -6.57 -1.94 10.43
S SO4 I . -10.93 -12.40 4.81
O1 SO4 I . -10.41 -13.71 5.08
O2 SO4 I . -12.33 -12.44 5.04
O3 SO4 I . -10.42 -11.48 5.78
O4 SO4 I . -10.58 -12.07 3.46
S SO4 J . -10.02 -14.97 -0.13
O1 SO4 J . -8.59 -14.99 0.12
O2 SO4 J . -10.59 -16.29 -0.24
O3 SO4 J . -10.74 -14.28 0.90
O4 SO4 J . -10.27 -14.33 -1.38
S SO4 K . -5.58 12.67 -5.63
O1 SO4 K . -6.73 12.83 -4.78
O2 SO4 K . -5.46 11.29 -5.97
O3 SO4 K . -4.45 13.10 -4.84
O4 SO4 K . -5.67 13.44 -6.85
#